data_4PU9
#
_entry.id   4PU9
#
_cell.length_a   88.083
_cell.length_b   143.245
_cell.length_c   79.895
_cell.angle_alpha   90.000
_cell.angle_beta   90.000
_cell.angle_gamma   90.000
#
_symmetry.space_group_name_H-M   'C 2 2 21'
#
loop_
_entity.id
_entity.type
_entity.pdbx_description
1 polymer GyrB
2 non-polymer "ADENOSINE-5'-DIPHOSPHATE"
3 non-polymer 'BERYLLIUM TRIFLUORIDE ION'
4 non-polymer 'MAGNESIUM ION'
5 water water
#
_entity_poly.entity_id   1
_entity_poly.type   'polypeptide(L)'
_entity_poly.pdbx_seq_one_letter_code
;MHHHHHHSNSYDSSSIKVLKGLDAVRKRPGMYIGDTDDGTGLHHMVFEVVDNAIDEALAGHCKEIIVTIHADNSVSVQDD
GRGIPTGIHPEEGVSAAEVIMTVLHAGGKFDDNSYKVSGGLHGVGVSVVNALSQKLELVIQREGKIHRQIYEHGVPQAPL
AVTGETEKTGTMVRFWPSLETFTNVTEFEYEILAKRLRELSFLNSGVSIRLRDKRDGKEDHFHYEGGIKAFVEYLNKNKT
PIHPNIFYFSTEKDGIGVEVALQWNDGFQENIYCFTNNIPQRDGGTHLAGFRAAMTRTLNAYMDKEGYSKKAKVSATGDD
AREGLIAVVSVKVPDPKFSSQTKDKLVSSEVKSAVEQQMNELLAEYLLENPTDAKIVVGKIIDAARAREAARRAREMT
;
_entity_poly.pdbx_strand_id   A
#
loop_
_chem_comp.id
_chem_comp.type
_chem_comp.name
_chem_comp.formula
ADP non-polymer ADENOSINE-5'-DIPHOSPHATE 'C10 H15 N5 O10 P2'
BEF non-polymer 'BERYLLIUM TRIFLUORIDE ION' 'Be F3 -1'
MG non-polymer 'MAGNESIUM ION' 'Mg 2'
#
# COMPACT_ATOMS: atom_id res chain seq x y z
N SER A 10 12.37 1.61 -46.42
CA SER A 10 11.76 2.71 -45.61
C SER A 10 11.13 2.19 -44.31
N TYR A 11 10.92 0.87 -44.22
CA TYR A 11 10.38 0.22 -43.00
C TYR A 11 10.58 -1.28 -43.05
N ASP A 12 11.56 -1.78 -42.31
CA ASP A 12 12.08 -3.14 -42.46
C ASP A 12 12.64 -3.60 -41.11
N SER A 13 13.51 -4.60 -41.10
CA SER A 13 14.07 -5.10 -39.87
C SER A 13 14.96 -4.11 -39.11
N SER A 14 15.66 -3.24 -39.83
CA SER A 14 16.44 -2.14 -39.21
C SER A 14 15.51 -1.20 -38.37
N SER A 15 14.24 -1.05 -38.83
CA SER A 15 13.22 -0.27 -38.11
C SER A 15 12.82 -0.77 -36.69
N ILE A 16 13.28 -1.94 -36.28
CA ILE A 16 12.75 -2.56 -35.07
C ILE A 16 13.84 -2.59 -34.05
N LYS A 17 13.66 -1.76 -33.02
CA LYS A 17 14.64 -1.56 -31.96
C LYS A 17 14.17 -2.28 -30.69
N VAL A 18 15.14 -2.78 -29.94
CA VAL A 18 14.89 -3.47 -28.71
C VAL A 18 15.45 -2.62 -27.56
N LEU A 19 14.65 -2.36 -26.53
CA LEU A 19 15.18 -1.62 -25.39
C LEU A 19 15.63 -2.61 -24.32
N LYS A 20 16.88 -2.46 -23.90
CA LYS A 20 17.55 -3.36 -22.95
C LYS A 20 17.66 -2.74 -21.57
N GLY A 21 17.78 -3.60 -20.55
CA GLY A 21 17.98 -3.17 -19.16
C GLY A 21 16.85 -2.25 -18.71
N LEU A 22 17.22 -1.12 -18.11
CA LEU A 22 16.25 -0.11 -17.67
C LEU A 22 15.92 0.95 -18.71
N ASP A 23 16.44 0.84 -19.92
CA ASP A 23 16.18 1.87 -20.92
C ASP A 23 14.68 2.07 -21.22
N ALA A 24 13.91 1.00 -21.10
CA ALA A 24 12.51 1.03 -21.45
C ALA A 24 11.74 1.84 -20.42
N VAL A 25 12.24 1.82 -19.16
CA VAL A 25 11.65 2.62 -18.05
C VAL A 25 11.85 4.11 -18.25
N ARG A 26 13.09 4.49 -18.58
CA ARG A 26 13.41 5.87 -19.03
C ARG A 26 12.62 6.24 -20.29
N LYS A 27 12.64 5.35 -21.27
CA LYS A 27 11.84 5.68 -22.43
C LYS A 27 10.34 5.86 -22.12
N ARG A 28 9.73 5.07 -21.20
CA ARG A 28 8.26 5.06 -21.02
C ARG A 28 7.81 5.07 -19.55
N PRO A 29 8.04 6.18 -18.85
CA PRO A 29 8.00 6.05 -17.43
C PRO A 29 6.58 5.85 -17.01
N GLY A 30 5.66 6.43 -17.81
CA GLY A 30 4.23 6.32 -17.62
C GLY A 30 3.78 4.91 -17.35
N MET A 31 4.45 3.96 -18.00
CA MET A 31 4.07 2.56 -17.90
C MET A 31 4.34 2.02 -16.50
N TYR A 32 5.41 2.51 -15.90
CA TYR A 32 6.05 1.92 -14.74
C TYR A 32 5.88 2.80 -13.49
N ILE A 33 6.19 4.08 -13.59
CA ILE A 33 6.00 4.98 -12.43
C ILE A 33 4.71 5.84 -12.45
N GLY A 34 4.14 6.10 -13.60
CA GLY A 34 2.91 6.92 -13.62
C GLY A 34 3.17 8.34 -14.12
N ASP A 35 2.32 9.27 -13.72
CA ASP A 35 2.38 10.66 -14.19
C ASP A 35 3.65 11.32 -13.68
N THR A 36 4.51 11.68 -14.62
CA THR A 36 5.80 12.31 -14.36
C THR A 36 5.71 13.84 -14.25
N ASP A 37 4.51 14.40 -14.24
CA ASP A 37 4.41 15.84 -14.30
C ASP A 37 3.65 16.51 -13.14
N ASP A 38 2.77 15.73 -12.51
CA ASP A 38 1.78 16.26 -11.57
C ASP A 38 2.19 15.92 -10.12
N GLY A 39 3.39 15.32 -9.97
CA GLY A 39 3.88 14.91 -8.67
C GLY A 39 3.54 13.48 -8.22
N THR A 40 2.52 12.84 -8.81
CA THR A 40 2.06 11.56 -8.34
C THR A 40 3.15 10.47 -8.58
N GLY A 41 3.70 10.41 -9.77
CA GLY A 41 4.84 9.48 -9.96
C GLY A 41 6.09 9.77 -9.12
N LEU A 42 6.38 11.07 -8.94
CA LEU A 42 7.48 11.51 -8.14
C LEU A 42 7.28 10.97 -6.69
N HIS A 43 6.10 11.19 -6.10
CA HIS A 43 5.84 10.56 -4.81
C HIS A 43 5.76 9.03 -4.79
N HIS A 44 5.30 8.46 -5.90
CA HIS A 44 5.25 7.05 -6.00
C HIS A 44 6.68 6.47 -5.98
N MET A 45 7.70 7.23 -6.39
CA MET A 45 9.08 6.74 -6.23
C MET A 45 9.35 6.38 -4.77
N VAL A 46 8.82 7.17 -3.84
CA VAL A 46 9.12 6.87 -2.45
C VAL A 46 8.39 5.63 -2.07
N PHE A 47 7.11 5.58 -2.47
CA PHE A 47 6.20 4.53 -2.00
C PHE A 47 6.67 3.15 -2.42
N GLU A 48 7.28 3.09 -3.59
CA GLU A 48 7.76 1.83 -4.08
C GLU A 48 8.75 1.31 -3.10
N VAL A 49 9.66 2.18 -2.71
CA VAL A 49 10.68 1.85 -1.70
C VAL A 49 10.08 1.54 -0.30
N VAL A 50 9.19 2.41 0.16
CA VAL A 50 8.47 2.14 1.41
C VAL A 50 7.77 0.77 1.38
N ASP A 51 7.15 0.43 0.25
CA ASP A 51 6.37 -0.85 0.18
C ASP A 51 7.28 -2.05 0.32
N ASN A 52 8.53 -1.94 -0.18
CA ASN A 52 9.44 -3.02 -0.05
C ASN A 52 9.82 -3.17 1.40
N ALA A 53 9.96 -2.08 2.14
CA ALA A 53 10.19 -2.18 3.57
C ALA A 53 8.97 -2.80 4.29
N ILE A 54 7.80 -2.24 4.04
CA ILE A 54 6.58 -2.72 4.66
C ILE A 54 6.48 -4.22 4.45
N ASP A 55 6.91 -4.70 3.28
CA ASP A 55 6.96 -6.15 3.00
C ASP A 55 7.87 -6.98 3.93
N GLU A 56 9.09 -6.51 4.21
CA GLU A 56 9.92 -7.06 5.31
C GLU A 56 9.05 -7.10 6.60
N ALA A 57 8.31 -6.06 6.87
CA ALA A 57 7.45 -6.06 8.08
C ALA A 57 6.37 -7.13 8.01
N LEU A 58 5.81 -7.34 6.84
CA LEU A 58 4.68 -8.27 6.77
C LEU A 58 5.18 -9.62 7.13
N ALA A 59 6.40 -9.94 6.67
CA ALA A 59 7.06 -11.21 6.93
C ALA A 59 7.60 -11.41 8.40
N GLY A 60 7.45 -10.39 9.27
CA GLY A 60 7.93 -10.47 10.68
C GLY A 60 9.39 -10.08 10.96
N HIS A 61 10.05 -9.42 10.00
CA HIS A 61 11.47 -9.10 10.12
C HIS A 61 11.81 -7.62 10.21
N CYS A 62 10.81 -6.76 10.30
CA CYS A 62 11.13 -5.34 10.28
C CYS A 62 10.20 -4.66 11.21
N LYS A 63 10.77 -3.94 12.17
CA LYS A 63 9.97 -3.25 13.17
C LYS A 63 10.24 -1.76 13.13
N GLU A 64 11.25 -1.31 12.38
CA GLU A 64 11.42 0.12 12.18
C GLU A 64 11.70 0.50 10.76
N ILE A 65 11.00 1.56 10.34
CA ILE A 65 11.18 2.27 9.05
C ILE A 65 11.33 3.79 9.22
N ILE A 66 12.32 4.37 8.58
CA ILE A 66 12.60 5.78 8.72
C ILE A 66 12.73 6.32 7.33
N VAL A 67 11.89 7.28 7.02
CA VAL A 67 11.95 7.91 5.74
C VAL A 67 12.37 9.32 5.93
N THR A 68 13.37 9.69 5.17
CA THR A 68 13.99 10.97 5.36
C THR A 68 13.98 11.77 4.09
N ILE A 69 13.37 12.96 4.12
CA ILE A 69 13.44 13.94 3.02
C ILE A 69 14.71 14.81 3.22
N HIS A 70 15.73 14.64 2.38
CA HIS A 70 17.00 15.39 2.54
C HIS A 70 16.91 16.78 1.92
N ALA A 71 17.89 17.60 2.28
CA ALA A 71 17.92 19.00 1.88
C ALA A 71 18.39 19.18 0.45
N ASP A 72 18.82 18.11 -0.17
CA ASP A 72 19.27 18.14 -1.56
C ASP A 72 18.28 17.54 -2.53
N ASN A 73 17.02 17.50 -2.13
CA ASN A 73 15.94 16.90 -2.90
C ASN A 73 15.91 15.43 -3.07
N SER A 74 16.66 14.70 -2.28
CA SER A 74 16.66 13.26 -2.34
C SER A 74 15.80 12.82 -1.21
N VAL A 75 15.50 11.51 -1.18
CA VAL A 75 14.73 10.88 -0.08
C VAL A 75 15.33 9.54 0.21
N SER A 76 15.39 9.17 1.50
CA SER A 76 15.89 7.90 1.91
C SER A 76 14.91 7.13 2.77
N VAL A 77 15.09 5.83 2.76
CA VAL A 77 14.16 4.91 3.43
C VAL A 77 15.05 3.85 4.08
N GLN A 78 15.04 3.84 5.39
CA GLN A 78 15.86 2.94 6.17
C GLN A 78 14.94 1.94 6.80
N ASP A 79 15.28 0.68 6.64
CA ASP A 79 14.57 -0.38 7.29
C ASP A 79 15.57 -1.29 8.08
N ASP A 80 15.08 -1.81 9.21
CA ASP A 80 15.77 -2.88 9.97
C ASP A 80 15.22 -4.28 9.59
N GLY A 81 15.15 -4.53 8.30
CA GLY A 81 14.69 -5.78 7.80
C GLY A 81 15.87 -6.68 7.70
N ARG A 82 15.75 -7.71 6.85
CA ARG A 82 16.83 -8.75 6.66
C ARG A 82 17.98 -8.30 5.76
N GLY A 83 17.73 -7.23 5.02
CA GLY A 83 18.67 -6.73 4.08
C GLY A 83 18.53 -7.41 2.74
N ILE A 84 18.55 -6.63 1.69
CA ILE A 84 18.56 -7.24 0.37
C ILE A 84 19.74 -8.18 0.30
N PRO A 85 19.54 -9.41 -0.21
CA PRO A 85 20.67 -10.34 -0.47
C PRO A 85 21.82 -9.72 -1.22
N THR A 86 23.03 -10.14 -0.82
CA THR A 86 24.35 -9.57 -1.26
C THR A 86 25.24 -10.52 -2.06
N GLY A 87 25.14 -11.82 -1.77
CA GLY A 87 25.93 -12.84 -2.46
C GLY A 87 25.76 -12.82 -3.96
N ILE A 88 26.68 -13.48 -4.65
CA ILE A 88 26.73 -13.47 -6.11
C ILE A 88 25.53 -14.22 -6.57
N HIS A 89 24.85 -13.68 -7.57
CA HIS A 89 23.78 -14.40 -8.21
C HIS A 89 24.43 -15.33 -9.23
N PRO A 90 24.09 -16.62 -9.16
CA PRO A 90 24.46 -17.42 -10.33
C PRO A 90 23.67 -16.89 -11.54
N GLU A 91 23.95 -17.39 -12.73
CA GLU A 91 23.22 -16.97 -13.94
C GLU A 91 23.60 -15.54 -14.26
N GLU A 92 23.26 -14.60 -13.38
CA GLU A 92 23.52 -13.20 -13.68
C GLU A 92 24.97 -12.78 -13.46
N GLY A 93 25.69 -13.50 -12.62
CA GLY A 93 27.12 -13.24 -12.43
C GLY A 93 27.47 -11.94 -11.71
N VAL A 94 26.56 -11.43 -10.88
CA VAL A 94 26.87 -10.27 -10.08
C VAL A 94 26.11 -10.41 -8.76
N SER A 95 26.26 -9.46 -7.82
CA SER A 95 25.56 -9.55 -6.52
C SER A 95 24.04 -9.63 -6.72
N ALA A 96 23.34 -10.36 -5.88
CA ALA A 96 21.87 -10.41 -6.03
C ALA A 96 21.28 -8.97 -5.92
N ALA A 97 21.77 -8.19 -4.96
CA ALA A 97 21.39 -6.77 -4.83
C ALA A 97 21.36 -6.01 -6.18
N GLU A 98 22.39 -6.16 -7.00
CA GLU A 98 22.45 -5.43 -8.27
C GLU A 98 21.40 -5.92 -9.27
N VAL A 99 21.13 -7.23 -9.21
CA VAL A 99 20.23 -7.85 -10.14
C VAL A 99 18.89 -7.19 -9.89
N ILE A 100 18.51 -7.07 -8.62
CA ILE A 100 17.22 -6.47 -8.30
C ILE A 100 17.16 -4.98 -8.69
N MET A 101 18.31 -4.30 -8.74
CA MET A 101 18.32 -2.87 -9.05
C MET A 101 18.39 -2.59 -10.52
N THR A 102 18.82 -3.56 -11.30
CA THR A 102 19.09 -3.34 -12.73
C THR A 102 18.34 -4.27 -13.65
N VAL A 103 17.63 -5.21 -13.07
CA VAL A 103 16.77 -6.10 -13.85
C VAL A 103 15.30 -6.03 -13.50
N LEU A 104 14.55 -5.96 -14.60
CA LEU A 104 13.10 -6.02 -14.60
C LEU A 104 12.59 -7.45 -14.49
N HIS A 105 11.54 -7.59 -13.70
CA HIS A 105 10.98 -8.86 -13.37
C HIS A 105 12.05 -9.73 -12.68
N ALA A 106 12.53 -9.20 -11.54
CA ALA A 106 13.52 -9.89 -10.76
C ALA A 106 13.27 -9.58 -9.33
N GLY A 107 13.14 -10.64 -8.53
CA GLY A 107 12.81 -10.52 -7.13
C GLY A 107 12.47 -11.86 -6.50
N GLY A 108 11.98 -11.78 -5.27
CA GLY A 108 11.61 -12.91 -4.43
C GLY A 108 10.16 -12.94 -3.91
N LYS A 109 9.26 -12.25 -4.61
CA LYS A 109 7.86 -12.35 -4.34
C LYS A 109 7.14 -13.07 -5.49
N PHE A 110 7.90 -13.69 -6.40
CA PHE A 110 7.31 -14.58 -7.41
C PHE A 110 6.82 -15.92 -6.88
N ASP A 111 7.10 -16.21 -5.62
CA ASP A 111 6.68 -17.48 -5.04
C ASP A 111 6.40 -17.07 -3.64
N ASP A 112 6.27 -18.01 -2.73
CA ASP A 112 5.93 -17.66 -1.36
C ASP A 112 7.03 -17.98 -0.36
N ASN A 113 8.23 -18.35 -0.83
CA ASN A 113 9.34 -18.81 0.07
C ASN A 113 10.04 -17.75 0.97
N SER A 114 10.03 -16.48 0.55
CA SER A 114 10.61 -15.34 1.28
C SER A 114 9.58 -14.38 1.92
N TYR A 115 8.45 -14.13 1.26
CA TYR A 115 7.32 -13.34 1.84
C TYR A 115 6.05 -14.12 1.58
N LYS A 116 5.44 -14.66 2.65
CA LYS A 116 4.25 -15.52 2.46
C LYS A 116 3.35 -14.64 1.65
N VAL A 117 3.25 -13.38 2.11
CA VAL A 117 2.45 -12.31 1.55
C VAL A 117 3.12 -10.94 1.45
N SER A 118 3.06 -10.31 0.27
CA SER A 118 3.69 -9.04 0.09
C SER A 118 2.92 -8.11 -0.86
N GLY A 119 3.13 -6.83 -0.73
CA GLY A 119 2.64 -5.89 -1.72
C GLY A 119 3.23 -6.12 -3.07
N GLY A 120 4.54 -6.39 -3.10
CA GLY A 120 5.22 -6.56 -4.31
C GLY A 120 4.87 -7.86 -4.95
N LEU A 121 4.94 -7.86 -6.26
CA LEU A 121 4.73 -9.08 -6.97
C LEU A 121 5.27 -9.01 -8.37
N HIS A 122 5.57 -7.82 -8.89
CA HIS A 122 5.99 -7.69 -10.30
C HIS A 122 7.49 -7.79 -10.54
N GLY A 123 8.27 -7.52 -9.50
CA GLY A 123 9.72 -7.70 -9.62
C GLY A 123 10.38 -6.52 -10.31
N VAL A 124 9.81 -5.34 -10.10
CA VAL A 124 10.09 -4.17 -10.93
C VAL A 124 10.32 -2.86 -10.20
N GLY A 125 9.62 -2.67 -9.06
CA GLY A 125 9.44 -1.37 -8.43
C GLY A 125 10.73 -0.58 -8.22
N VAL A 126 11.59 -1.13 -7.39
CA VAL A 126 12.84 -0.47 -7.07
C VAL A 126 13.75 -0.48 -8.30
N SER A 127 13.63 -1.49 -9.16
CA SER A 127 14.24 -1.35 -10.48
C SER A 127 13.80 0.00 -11.09
N VAL A 128 12.51 0.28 -11.10
CA VAL A 128 12.02 1.52 -11.69
C VAL A 128 12.61 2.78 -11.05
N VAL A 129 12.66 2.77 -9.75
CA VAL A 129 13.22 3.86 -9.02
C VAL A 129 14.69 4.12 -9.36
N ASN A 130 15.46 3.05 -9.48
CA ASN A 130 16.86 3.17 -9.85
C ASN A 130 16.95 3.82 -11.18
N ALA A 131 16.16 3.32 -12.12
CA ALA A 131 16.16 3.89 -13.47
C ALA A 131 15.74 5.36 -13.61
N LEU A 132 14.94 5.86 -12.68
CA LEU A 132 14.43 7.22 -12.89
C LEU A 132 15.11 8.15 -11.88
N SER A 133 16.30 7.73 -11.43
CA SER A 133 17.03 8.41 -10.39
C SER A 133 18.43 8.70 -10.89
N GLN A 134 18.81 9.99 -10.85
CA GLN A 134 20.13 10.43 -11.34
C GLN A 134 21.18 9.90 -10.48
N LYS A 135 20.81 9.66 -9.24
CA LYS A 135 21.69 8.98 -8.35
C LYS A 135 20.85 8.05 -7.46
N LEU A 136 21.41 6.87 -7.19
CA LEU A 136 20.94 6.00 -6.11
C LEU A 136 22.07 5.44 -5.23
N GLU A 137 21.81 5.34 -3.93
CA GLU A 137 22.74 4.82 -2.91
C GLU A 137 22.09 3.68 -2.17
N LEU A 138 22.82 2.58 -2.02
CA LEU A 138 22.30 1.36 -1.45
C LEU A 138 23.24 0.90 -0.35
N VAL A 139 22.72 0.80 0.86
CA VAL A 139 23.53 0.37 1.97
C VAL A 139 22.85 -0.79 2.62
N ILE A 140 23.46 -1.96 2.48
CA ILE A 140 22.90 -3.20 3.01
C ILE A 140 23.59 -3.76 4.26
N GLN A 141 22.84 -3.94 5.34
CA GLN A 141 23.38 -4.60 6.53
C GLN A 141 22.88 -6.05 6.66
N ARG A 142 23.79 -6.99 6.37
CA ARG A 142 23.46 -8.41 6.31
C ARG A 142 24.68 -9.32 6.53
N GLU A 143 24.48 -10.50 7.16
CA GLU A 143 25.51 -11.56 7.30
C GLU A 143 26.75 -11.04 8.03
N GLY A 144 26.55 -10.14 8.99
CA GLY A 144 27.68 -9.52 9.70
C GLY A 144 28.36 -8.32 9.04
N LYS A 145 28.21 -8.18 7.73
CA LYS A 145 28.88 -7.12 6.96
C LYS A 145 27.94 -5.95 6.54
N ILE A 146 28.52 -4.75 6.45
CA ILE A 146 27.87 -3.59 5.87
C ILE A 146 28.26 -3.60 4.41
N HIS A 147 27.30 -3.61 3.47
CA HIS A 147 27.64 -3.53 2.06
C HIS A 147 27.13 -2.28 1.43
N ARG A 148 27.80 -1.77 0.40
CA ARG A 148 27.42 -0.49 -0.26
C ARG A 148 27.66 -0.39 -1.77
N GLN A 149 26.81 0.38 -2.45
CA GLN A 149 26.93 0.56 -3.89
C GLN A 149 26.27 1.84 -4.29
N ILE A 150 26.65 2.33 -5.45
CA ILE A 150 26.21 3.61 -5.92
C ILE A 150 25.90 3.46 -7.36
N TYR A 151 24.79 4.08 -7.80
CA TYR A 151 24.33 4.07 -9.21
C TYR A 151 24.00 5.46 -9.69
N GLU A 152 24.06 5.61 -11.00
CA GLU A 152 23.74 6.87 -11.64
C GLU A 152 22.91 6.57 -12.86
N HIS A 153 21.67 7.01 -12.83
CA HIS A 153 20.77 6.69 -13.92
C HIS A 153 20.79 5.20 -14.15
N GLY A 154 20.60 4.48 -13.05
CA GLY A 154 20.51 3.05 -13.05
C GLY A 154 21.79 2.27 -13.30
N VAL A 155 22.95 2.94 -13.36
CA VAL A 155 24.21 2.26 -13.72
C VAL A 155 25.12 2.12 -12.53
N PRO A 156 25.42 0.89 -12.14
CA PRO A 156 26.38 0.63 -11.04
C PRO A 156 27.80 1.14 -11.29
N GLN A 157 28.21 2.15 -10.54
CA GLN A 157 29.54 2.74 -10.69
C GLN A 157 30.55 1.81 -10.07
N ALA A 158 30.12 0.78 -9.36
CA ALA A 158 31.07 -0.20 -8.85
C ALA A 158 30.36 -1.40 -8.27
N PRO A 159 30.99 -2.58 -8.35
CA PRO A 159 30.31 -3.69 -7.71
C PRO A 159 29.94 -3.40 -6.23
N LEU A 160 29.08 -4.25 -5.66
CA LEU A 160 28.66 -4.15 -4.26
C LEU A 160 29.84 -4.55 -3.39
N ALA A 161 30.14 -3.79 -2.33
CA ALA A 161 31.40 -3.99 -1.54
C ALA A 161 31.18 -3.91 -0.06
N VAL A 162 31.83 -4.80 0.67
CA VAL A 162 31.86 -4.76 2.13
C VAL A 162 32.61 -3.50 2.54
N THR A 163 32.08 -2.74 3.51
CA THR A 163 32.77 -1.53 4.01
C THR A 163 32.63 -1.41 5.53
N GLY A 164 32.71 -2.55 6.22
CA GLY A 164 32.59 -2.54 7.66
C GLY A 164 31.94 -3.81 8.15
N GLU A 165 31.81 -3.91 9.47
CA GLU A 165 31.24 -5.05 10.14
C GLU A 165 30.14 -4.55 11.05
N THR A 166 29.08 -5.34 11.19
CA THR A 166 27.95 -4.99 12.09
C THR A 166 27.15 -6.25 12.45
N GLU A 167 26.45 -6.17 13.57
CA GLU A 167 25.46 -7.18 13.91
C GLU A 167 24.10 -6.82 13.23
N LYS A 168 23.83 -5.54 13.01
CA LYS A 168 22.51 -5.07 12.50
C LYS A 168 22.06 -5.76 11.24
N THR A 169 20.75 -5.71 11.01
CA THR A 169 20.22 -6.10 9.69
C THR A 169 19.33 -5.03 9.16
N GLY A 170 19.47 -4.73 7.87
CA GLY A 170 18.77 -3.62 7.25
C GLY A 170 19.13 -3.34 5.83
N THR A 171 18.31 -2.52 5.20
CA THR A 171 18.50 -1.98 3.86
C THR A 171 18.23 -0.51 3.96
N MET A 172 19.11 0.28 3.38
CA MET A 172 18.94 1.73 3.22
C MET A 172 19.10 2.13 1.75
N VAL A 173 18.07 2.82 1.21
CA VAL A 173 18.07 3.29 -0.21
C VAL A 173 17.83 4.78 -0.20
N ARG A 174 18.65 5.52 -0.92
CA ARG A 174 18.46 6.95 -1.01
C ARG A 174 18.54 7.24 -2.47
N PHE A 175 17.60 8.04 -2.97
CA PHE A 175 17.60 8.34 -4.41
C PHE A 175 17.39 9.79 -4.69
N TRP A 176 17.95 10.26 -5.81
CA TRP A 176 17.83 11.63 -6.26
C TRP A 176 17.17 11.50 -7.61
N PRO A 177 15.88 11.80 -7.68
CA PRO A 177 15.18 11.66 -8.95
C PRO A 177 15.87 12.36 -10.09
N SER A 178 15.88 11.70 -11.25
CA SER A 178 16.32 12.38 -12.47
C SER A 178 15.29 13.42 -12.92
N LEU A 179 15.74 14.67 -13.13
CA LEU A 179 14.90 15.74 -13.70
C LEU A 179 14.72 15.63 -15.24
N GLU A 180 15.62 14.92 -15.89
CA GLU A 180 15.36 14.53 -17.28
C GLU A 180 14.08 13.66 -17.44
N THR A 181 13.39 13.31 -16.34
CA THR A 181 12.12 12.57 -16.37
C THR A 181 11.00 13.29 -15.65
N PHE A 182 11.17 13.73 -14.40
CA PHE A 182 10.01 14.37 -13.74
C PHE A 182 10.05 15.87 -13.95
N THR A 183 8.86 16.43 -14.08
CA THR A 183 8.74 17.81 -14.46
C THR A 183 7.69 18.49 -13.59
N ASN A 184 7.67 19.83 -13.63
CA ASN A 184 6.72 20.66 -12.89
C ASN A 184 6.82 20.41 -11.39
N VAL A 185 6.33 19.26 -10.91
CA VAL A 185 6.48 18.93 -9.52
C VAL A 185 7.72 18.11 -9.31
N THR A 186 8.77 18.80 -8.85
CA THR A 186 10.09 18.22 -8.65
C THR A 186 10.46 18.09 -7.16
N GLU A 187 9.65 18.71 -6.30
CA GLU A 187 9.99 18.72 -4.89
C GLU A 187 9.05 17.83 -4.09
N PHE A 188 9.61 17.17 -3.10
CA PHE A 188 8.85 16.29 -2.27
C PHE A 188 7.97 17.11 -1.27
N GLU A 189 6.76 16.63 -1.05
CA GLU A 189 5.76 17.26 -0.22
C GLU A 189 5.56 16.38 0.98
N TYR A 190 5.96 16.91 2.13
CA TYR A 190 5.72 16.28 3.44
C TYR A 190 4.39 15.55 3.59
N GLU A 191 3.33 16.28 3.34
CA GLU A 191 2.02 15.80 3.70
C GLU A 191 1.63 14.56 2.88
N ILE A 192 2.03 14.54 1.61
CA ILE A 192 1.75 13.36 0.83
C ILE A 192 2.45 12.12 1.40
N LEU A 193 3.72 12.20 1.70
CA LEU A 193 4.38 11.08 2.33
C LEU A 193 3.73 10.73 3.67
N ALA A 194 3.34 11.75 4.44
CA ALA A 194 2.87 11.55 5.79
C ALA A 194 1.54 10.88 5.83
N LYS A 195 0.74 11.11 4.83
CA LYS A 195 -0.60 10.61 4.92
C LYS A 195 -0.50 9.11 4.71
N ARG A 196 0.25 8.69 3.70
CA ARG A 196 0.45 7.30 3.49
C ARG A 196 1.19 6.56 4.63
N LEU A 197 2.07 7.22 5.33
CA LEU A 197 2.81 6.50 6.36
C LEU A 197 1.97 6.39 7.61
N ARG A 198 1.11 7.38 7.84
CA ARG A 198 0.16 7.36 8.94
C ARG A 198 -0.70 6.12 8.75
N GLU A 199 -1.14 5.93 7.50
CA GLU A 199 -2.11 4.87 7.23
C GLU A 199 -1.36 3.56 7.38
N LEU A 200 -0.09 3.55 6.97
CA LEU A 200 0.66 2.34 7.08
C LEU A 200 0.77 1.91 8.55
N SER A 201 0.83 2.86 9.46
CA SER A 201 1.08 2.48 10.84
C SER A 201 -0.15 1.79 11.44
N PHE A 202 -1.32 2.20 11.00
CA PHE A 202 -2.55 1.54 11.38
C PHE A 202 -2.67 0.15 10.81
N LEU A 203 -2.23 -0.02 9.57
CA LEU A 203 -2.16 -1.32 8.91
C LEU A 203 -1.04 -2.23 9.40
N ASN A 204 -0.07 -1.66 10.12
CA ASN A 204 1.10 -2.41 10.61
C ASN A 204 1.41 -2.13 12.07
N SER A 205 0.71 -2.79 12.91
CA SER A 205 0.77 -2.53 14.34
C SER A 205 2.11 -3.04 14.85
N GLY A 206 2.74 -2.28 15.75
CA GLY A 206 4.03 -2.73 16.30
C GLY A 206 5.20 -2.48 15.38
N VAL A 207 5.06 -1.55 14.43
CA VAL A 207 6.17 -1.19 13.56
C VAL A 207 6.26 0.29 13.73
N SER A 208 7.45 0.79 13.98
CA SER A 208 7.66 2.23 14.16
C SER A 208 8.04 2.82 12.78
N ILE A 209 7.37 3.88 12.36
CA ILE A 209 7.59 4.53 11.03
C ILE A 209 7.89 5.97 11.29
N ARG A 210 9.07 6.42 10.93
CA ARG A 210 9.52 7.75 11.29
C ARG A 210 9.61 8.51 10.03
N LEU A 211 9.09 9.73 10.03
CA LEU A 211 9.23 10.58 8.87
C LEU A 211 10.02 11.83 9.24
N ARG A 212 11.12 12.04 8.52
CA ARG A 212 12.05 13.17 8.79
C ARG A 212 12.13 14.11 7.60
N ASP A 213 11.99 15.40 7.84
CA ASP A 213 12.25 16.41 6.85
C ASP A 213 13.45 17.24 7.28
N LYS A 214 14.56 17.10 6.57
CA LYS A 214 15.79 17.89 6.85
C LYS A 214 15.80 19.33 6.24
N ARG A 215 14.84 19.63 5.39
CA ARG A 215 14.62 21.01 4.95
C ARG A 215 14.19 21.94 6.14
N ASP A 216 13.35 21.47 7.05
CA ASP A 216 12.88 22.34 8.10
C ASP A 216 12.86 21.74 9.51
N GLY A 217 13.60 20.64 9.75
CA GLY A 217 13.64 19.97 11.09
C GLY A 217 12.37 19.26 11.59
N LYS A 218 11.32 19.35 10.78
CA LYS A 218 10.03 18.80 11.07
C LYS A 218 10.05 17.24 11.02
N GLU A 219 9.29 16.63 11.92
CA GLU A 219 9.39 15.22 12.24
C GLU A 219 8.05 14.58 12.63
N ASP A 220 7.95 13.30 12.38
CA ASP A 220 6.78 12.53 12.80
C ASP A 220 7.23 11.15 13.17
N HIS A 221 6.52 10.57 14.13
CA HIS A 221 6.74 9.19 14.53
C HIS A 221 5.37 8.54 14.58
N PHE A 222 5.14 7.61 13.67
CA PHE A 222 3.85 6.94 13.62
C PHE A 222 4.01 5.55 14.14
N HIS A 223 3.17 5.22 15.13
CA HIS A 223 3.14 3.93 15.84
C HIS A 223 1.82 3.79 16.61
N TYR A 224 0.69 3.92 15.93
CA TYR A 224 -0.61 3.69 16.58
C TYR A 224 -0.78 2.24 16.85
N GLU A 225 -1.55 1.95 17.87
CA GLU A 225 -1.67 0.57 18.26
C GLU A 225 -2.96 -0.06 17.83
N GLY A 226 -4.06 0.74 17.84
CA GLY A 226 -5.42 0.21 17.57
C GLY A 226 -5.75 -0.44 16.21
N GLY A 227 -4.78 -0.60 15.33
CA GLY A 227 -4.96 -1.36 14.08
C GLY A 227 -6.02 -0.64 13.27
N ILE A 228 -6.76 -1.37 12.44
CA ILE A 228 -7.67 -0.69 11.53
C ILE A 228 -8.91 -0.17 12.27
N LYS A 229 -9.20 -0.71 13.44
CA LYS A 229 -10.21 -0.13 14.34
C LYS A 229 -9.96 1.33 14.62
N ALA A 230 -8.70 1.65 14.92
CA ALA A 230 -8.35 3.00 15.31
C ALA A 230 -8.13 3.84 14.05
N PHE A 231 -7.80 3.15 12.97
CA PHE A 231 -7.82 3.85 11.69
C PHE A 231 -9.21 4.45 11.51
N VAL A 232 -10.26 3.66 11.71
CA VAL A 232 -11.62 4.16 11.53
C VAL A 232 -11.89 5.34 12.44
N GLU A 233 -11.55 5.24 13.72
CA GLU A 233 -11.77 6.36 14.65
C GLU A 233 -11.14 7.61 14.16
N TYR A 234 -9.91 7.46 13.70
CA TYR A 234 -9.12 8.59 13.22
C TYR A 234 -9.75 9.24 11.98
N LEU A 235 -10.32 8.43 11.09
CA LEU A 235 -11.11 8.96 9.94
C LEU A 235 -12.43 9.63 10.37
N ASN A 236 -13.03 9.18 11.47
CA ASN A 236 -14.24 9.83 11.97
C ASN A 236 -13.89 10.91 12.97
N LYS A 237 -12.58 11.14 13.18
CA LYS A 237 -12.12 12.17 14.13
C LYS A 237 -12.85 13.52 13.90
N ASN A 238 -13.06 13.91 12.64
CA ASN A 238 -13.65 15.24 12.37
C ASN A 238 -15.10 15.34 11.94
N LYS A 239 -15.75 14.20 11.69
CA LYS A 239 -17.18 14.19 11.33
C LYS A 239 -17.82 13.69 12.62
N THR A 240 -19.13 13.54 12.68
CA THR A 240 -19.66 13.06 13.95
C THR A 240 -20.09 11.60 13.83
N PRO A 241 -19.44 10.69 14.59
CA PRO A 241 -19.94 9.32 14.54
C PRO A 241 -21.27 9.29 15.18
N ILE A 242 -22.24 8.64 14.54
CA ILE A 242 -23.62 8.60 15.06
C ILE A 242 -23.87 7.36 15.90
N HIS A 243 -22.83 6.53 16.07
CA HIS A 243 -22.95 5.35 16.91
C HIS A 243 -21.61 4.90 17.50
N PRO A 244 -21.61 4.43 18.77
CA PRO A 244 -20.34 4.29 19.50
C PRO A 244 -19.52 3.06 19.18
N ASN A 245 -20.15 2.01 18.71
CA ASN A 245 -19.46 0.74 18.53
C ASN A 245 -19.00 0.45 17.08
N ILE A 246 -17.69 0.53 16.86
CA ILE A 246 -17.12 0.25 15.56
C ILE A 246 -17.16 -1.22 15.32
N PHE A 247 -17.70 -1.62 14.18
CA PHE A 247 -17.70 -3.04 13.80
C PHE A 247 -16.30 -3.37 13.34
N TYR A 248 -15.76 -4.48 13.85
CA TYR A 248 -14.40 -4.89 13.55
C TYR A 248 -14.29 -6.40 13.58
N PHE A 249 -13.45 -6.95 12.72
CA PHE A 249 -13.05 -8.32 12.81
C PHE A 249 -11.76 -8.54 12.02
N SER A 250 -11.06 -9.61 12.43
CA SER A 250 -9.92 -10.09 11.67
C SER A 250 -9.92 -11.63 11.65
N THR A 251 -10.05 -12.17 10.44
CA THR A 251 -10.09 -13.60 10.25
C THR A 251 -9.16 -14.00 9.16
N GLU A 252 -8.84 -15.28 9.16
CA GLU A 252 -7.93 -15.86 8.16
C GLU A 252 -8.33 -17.31 7.90
N LYS A 253 -8.93 -17.51 6.74
CA LYS A 253 -9.68 -18.72 6.43
C LYS A 253 -9.55 -18.99 4.91
N ASP A 254 -9.33 -20.26 4.54
CA ASP A 254 -9.18 -20.68 3.14
C ASP A 254 -8.06 -19.93 2.48
N GLY A 255 -6.96 -19.74 3.20
CA GLY A 255 -5.83 -19.01 2.70
C GLY A 255 -6.00 -17.49 2.56
N ILE A 256 -7.06 -16.89 3.11
CA ILE A 256 -7.25 -15.45 2.94
C ILE A 256 -7.51 -14.69 4.25
N GLY A 257 -6.77 -13.60 4.45
CA GLY A 257 -6.88 -12.79 5.59
C GLY A 257 -7.93 -11.75 5.27
N VAL A 258 -8.95 -11.60 6.13
CA VAL A 258 -9.90 -10.52 5.94
C VAL A 258 -10.05 -9.74 7.21
N GLU A 259 -9.96 -8.44 7.08
CA GLU A 259 -10.00 -7.58 8.22
C GLU A 259 -10.83 -6.39 7.81
N VAL A 260 -11.83 -6.07 8.59
CA VAL A 260 -12.74 -4.99 8.27
C VAL A 260 -13.09 -4.24 9.51
N ALA A 261 -13.20 -2.94 9.34
CA ALA A 261 -13.66 -2.08 10.38
C ALA A 261 -14.54 -1.11 9.68
N LEU A 262 -15.60 -0.67 10.34
CA LEU A 262 -16.42 0.39 9.83
C LEU A 262 -17.31 0.99 10.91
N GLN A 263 -17.91 2.12 10.57
CA GLN A 263 -18.61 3.02 11.46
C GLN A 263 -19.14 4.17 10.62
N TRP A 264 -20.37 4.59 10.92
CA TRP A 264 -21.12 5.62 10.19
C TRP A 264 -20.99 6.93 10.92
N ASN A 265 -20.93 8.03 10.19
CA ASN A 265 -21.06 9.40 10.76
C ASN A 265 -22.34 10.08 10.20
N ASP A 266 -22.71 11.29 10.65
CA ASP A 266 -23.99 11.93 10.14
C ASP A 266 -23.83 12.76 8.85
N GLY A 267 -22.61 12.81 8.32
CA GLY A 267 -22.39 13.40 7.00
C GLY A 267 -22.98 12.56 5.88
N PHE A 268 -22.76 13.00 4.64
CA PHE A 268 -23.31 12.35 3.43
C PHE A 268 -22.32 11.65 2.50
N GLN A 269 -21.04 11.61 2.85
CA GLN A 269 -19.98 10.96 1.96
C GLN A 269 -19.92 9.42 2.06
N GLU A 270 -19.36 8.76 1.05
CA GLU A 270 -19.03 7.34 1.20
C GLU A 270 -17.55 7.07 0.96
N ASN A 271 -16.90 6.62 2.04
CA ASN A 271 -15.46 6.42 2.09
C ASN A 271 -15.09 5.03 2.59
N ILE A 272 -14.84 4.14 1.64
CA ILE A 272 -14.53 2.75 1.93
C ILE A 272 -13.15 2.45 1.38
N TYR A 273 -12.18 2.27 2.26
CA TYR A 273 -10.78 2.26 1.85
C TYR A 273 -10.37 0.83 1.81
N CYS A 274 -9.97 0.37 0.64
CA CYS A 274 -9.62 -1.00 0.42
C CYS A 274 -8.11 -1.16 0.29
N PHE A 275 -7.59 -2.34 0.67
CA PHE A 275 -6.17 -2.66 0.65
C PHE A 275 -5.93 -4.15 0.44
N THR A 276 -4.85 -4.50 -0.28
CA THR A 276 -4.50 -5.88 -0.49
C THR A 276 -3.01 -5.95 -0.12
N ASN A 277 -2.64 -6.80 0.85
CA ASN A 277 -1.28 -6.84 1.32
C ASN A 277 -0.72 -5.41 1.56
N ASN A 278 -1.62 -4.53 2.01
CA ASN A 278 -1.31 -3.15 2.36
C ASN A 278 -1.24 -2.12 1.23
N ILE A 279 -1.21 -2.58 -0.01
CA ILE A 279 -1.34 -1.65 -1.15
C ILE A 279 -2.80 -1.14 -1.28
N PRO A 280 -3.04 0.18 -1.34
CA PRO A 280 -4.39 0.75 -1.64
C PRO A 280 -4.98 0.37 -2.99
N GLN A 281 -6.28 0.10 -3.06
CA GLN A 281 -6.98 0.00 -4.35
C GLN A 281 -7.92 1.20 -4.44
N ARG A 282 -7.45 2.26 -5.06
CA ARG A 282 -8.30 3.42 -5.27
C ARG A 282 -9.62 3.03 -5.99
N ASP A 283 -9.58 2.02 -6.85
CA ASP A 283 -10.79 1.61 -7.60
C ASP A 283 -11.39 0.31 -7.13
N GLY A 284 -11.14 -0.10 -5.89
CA GLY A 284 -11.87 -1.23 -5.36
C GLY A 284 -11.47 -2.54 -6.00
N GLY A 285 -12.46 -3.39 -6.27
CA GLY A 285 -12.27 -4.70 -6.89
C GLY A 285 -13.03 -5.77 -6.12
N THR A 286 -12.55 -7.00 -6.19
CA THR A 286 -13.31 -8.08 -5.61
C THR A 286 -13.57 -7.97 -4.12
N HIS A 287 -12.63 -7.37 -3.39
CA HIS A 287 -12.85 -7.19 -1.96
C HIS A 287 -13.91 -6.14 -1.69
N LEU A 288 -13.90 -5.00 -2.36
CA LEU A 288 -15.00 -4.05 -2.21
C LEU A 288 -16.33 -4.72 -2.49
N ALA A 289 -16.36 -5.50 -3.55
CA ALA A 289 -17.62 -6.01 -4.06
C ALA A 289 -18.22 -7.02 -3.13
N GLY A 290 -17.38 -7.85 -2.55
CA GLY A 290 -17.83 -8.70 -1.44
C GLY A 290 -18.31 -7.85 -0.26
N PHE A 291 -17.60 -6.79 0.05
CA PHE A 291 -18.01 -5.98 1.16
C PHE A 291 -19.49 -5.48 0.93
N ARG A 292 -19.80 -4.96 -0.26
CA ARG A 292 -21.10 -4.38 -0.54
C ARG A 292 -22.17 -5.42 -0.61
N ALA A 293 -21.88 -6.56 -1.21
CA ALA A 293 -22.88 -7.61 -1.25
C ALA A 293 -23.25 -8.11 0.15
N ALA A 294 -22.27 -8.30 1.03
CA ALA A 294 -22.59 -8.67 2.41
C ALA A 294 -23.29 -7.55 3.19
N MET A 295 -22.86 -6.30 3.02
CA MET A 295 -23.53 -5.20 3.66
C MET A 295 -25.03 -5.24 3.32
N THR A 296 -25.35 -5.21 2.03
CA THR A 296 -26.73 -5.25 1.61
C THR A 296 -27.55 -6.50 2.00
N ARG A 297 -27.02 -7.69 1.81
CA ARG A 297 -27.71 -8.85 2.29
C ARG A 297 -27.94 -8.79 3.85
N THR A 298 -26.93 -8.41 4.62
CA THR A 298 -27.01 -8.54 6.08
C THR A 298 -28.00 -7.54 6.67
N LEU A 299 -27.86 -6.31 6.21
CA LEU A 299 -28.82 -5.25 6.43
C LEU A 299 -30.28 -5.62 6.10
N ASN A 300 -30.57 -6.14 4.91
CA ASN A 300 -31.95 -6.40 4.51
C ASN A 300 -32.64 -7.50 5.34
N ALA A 301 -31.90 -8.54 5.70
CA ALA A 301 -32.36 -9.56 6.65
C ALA A 301 -32.67 -8.95 8.01
N TYR A 302 -31.89 -7.95 8.42
CA TYR A 302 -32.08 -7.34 9.73
C TYR A 302 -33.38 -6.50 9.71
N MET A 303 -33.62 -5.81 8.61
CA MET A 303 -34.86 -5.10 8.45
C MET A 303 -36.06 -6.07 8.42
N ASP A 304 -35.99 -7.07 7.55
CA ASP A 304 -37.04 -8.07 7.46
C ASP A 304 -37.34 -8.57 8.87
N LYS A 305 -36.33 -8.91 9.66
CA LYS A 305 -36.58 -9.51 10.97
C LYS A 305 -37.22 -8.49 11.93
N GLU A 306 -36.73 -7.25 11.88
CA GLU A 306 -37.21 -6.21 12.77
C GLU A 306 -38.55 -5.58 12.31
N GLY A 307 -39.12 -6.05 11.19
CA GLY A 307 -40.48 -5.68 10.78
C GLY A 307 -40.59 -4.50 9.84
N TYR A 308 -39.45 -3.93 9.46
CA TYR A 308 -39.43 -2.88 8.44
C TYR A 308 -40.12 -3.45 7.22
N SER A 309 -40.81 -2.59 6.49
CA SER A 309 -41.35 -2.95 5.18
C SER A 309 -40.23 -2.83 4.11
N LYS A 310 -40.40 -3.41 2.93
CA LYS A 310 -39.70 -2.85 1.77
C LYS A 310 -40.62 -2.90 0.58
N ARG A 322 -24.13 2.98 2.47
CA ARG A 322 -23.77 4.11 1.59
C ARG A 322 -23.49 5.47 2.30
N GLU A 323 -24.48 6.35 2.46
CA GLU A 323 -24.20 7.70 3.02
C GLU A 323 -23.82 7.72 4.51
N GLY A 324 -22.67 8.33 4.80
CA GLY A 324 -22.15 8.39 6.18
C GLY A 324 -21.20 7.25 6.57
N LEU A 325 -21.02 6.30 5.65
CA LEU A 325 -20.20 5.14 5.91
C LEU A 325 -18.73 5.40 5.70
N ILE A 326 -17.96 5.04 6.72
CA ILE A 326 -16.54 4.96 6.62
C ILE A 326 -16.16 3.56 6.97
N ALA A 327 -15.30 2.97 6.15
CA ALA A 327 -14.91 1.61 6.33
C ALA A 327 -13.51 1.33 5.78
N VAL A 328 -12.90 0.29 6.31
CA VAL A 328 -11.57 -0.10 5.91
C VAL A 328 -11.70 -1.55 5.81
N VAL A 329 -11.29 -2.03 4.65
CA VAL A 329 -11.31 -3.41 4.27
C VAL A 329 -9.90 -3.67 3.82
N SER A 330 -9.23 -4.58 4.52
CA SER A 330 -7.81 -4.88 4.27
C SER A 330 -7.61 -6.35 4.17
N VAL A 331 -7.10 -6.86 3.04
CA VAL A 331 -7.02 -8.29 2.89
C VAL A 331 -5.56 -8.75 2.71
N LYS A 332 -5.32 -10.00 3.03
CA LYS A 332 -3.98 -10.55 2.94
C LYS A 332 -4.04 -11.74 2.05
N VAL A 333 -3.57 -11.62 0.83
CA VAL A 333 -3.70 -12.72 -0.03
C VAL A 333 -2.37 -13.18 -0.59
N PRO A 334 -2.18 -14.48 -0.74
CA PRO A 334 -0.84 -14.97 -1.08
C PRO A 334 -0.41 -14.58 -2.46
N ASP A 335 -1.27 -14.77 -3.44
CA ASP A 335 -0.87 -14.45 -4.81
C ASP A 335 -1.90 -13.58 -5.51
N PRO A 336 -1.98 -12.30 -5.15
CA PRO A 336 -3.09 -11.52 -5.67
C PRO A 336 -2.93 -11.27 -7.15
N LYS A 337 -4.03 -10.91 -7.82
CA LYS A 337 -3.97 -10.46 -9.21
C LYS A 337 -4.68 -9.17 -9.23
N PHE A 338 -4.00 -8.22 -9.86
CA PHE A 338 -4.62 -6.98 -10.10
C PHE A 338 -5.05 -6.93 -11.56
N SER A 339 -5.85 -5.92 -11.85
CA SER A 339 -6.23 -5.58 -13.21
C SER A 339 -5.14 -4.80 -13.96
N SER A 340 -4.20 -4.19 -13.28
CA SER A 340 -3.31 -3.27 -13.99
C SER A 340 -2.06 -3.23 -13.20
N GLN A 341 -1.07 -2.48 -13.70
N GLN A 341 -1.04 -2.51 -13.71
CA GLN A 341 0.23 -2.42 -13.08
CA GLN A 341 0.25 -2.43 -13.04
C GLN A 341 0.24 -1.52 -11.85
C GLN A 341 0.24 -1.52 -11.84
N THR A 342 -0.71 -0.61 -11.78
CA THR A 342 -0.84 0.31 -10.63
C THR A 342 -1.38 -0.32 -9.35
N LYS A 343 -1.91 -1.55 -9.47
CA LYS A 343 -2.50 -2.32 -8.37
C LYS A 343 -3.77 -1.62 -7.79
N ASP A 344 -4.47 -0.94 -8.67
CA ASP A 344 -5.53 -0.05 -8.27
C ASP A 344 -6.84 -0.77 -8.11
N LYS A 345 -6.88 -2.02 -8.55
CA LYS A 345 -8.08 -2.75 -8.56
C LYS A 345 -7.77 -4.24 -8.48
N LEU A 346 -8.41 -4.92 -7.57
CA LEU A 346 -8.02 -6.28 -7.30
C LEU A 346 -9.03 -7.14 -8.03
N VAL A 347 -8.57 -8.27 -8.62
CA VAL A 347 -9.42 -9.15 -9.43
C VAL A 347 -9.47 -10.62 -8.96
N SER A 348 -8.46 -11.05 -8.25
CA SER A 348 -8.55 -12.29 -7.53
C SER A 348 -10.02 -12.53 -7.10
N SER A 349 -10.63 -13.48 -7.81
CA SER A 349 -12.08 -13.76 -7.76
C SER A 349 -12.44 -14.34 -6.45
N GLU A 350 -11.63 -15.29 -6.00
CA GLU A 350 -11.92 -15.94 -4.73
C GLU A 350 -12.03 -14.95 -3.53
N VAL A 351 -11.46 -13.73 -3.67
CA VAL A 351 -11.56 -12.73 -2.63
C VAL A 351 -12.94 -12.12 -2.49
N LYS A 352 -13.76 -12.07 -3.54
CA LYS A 352 -15.15 -11.56 -3.36
C LYS A 352 -15.86 -12.43 -2.35
N SER A 353 -15.88 -13.72 -2.68
CA SER A 353 -16.49 -14.75 -1.88
C SER A 353 -15.95 -14.84 -0.45
N ALA A 354 -14.70 -14.47 -0.22
CA ALA A 354 -14.15 -14.55 1.14
C ALA A 354 -14.61 -13.39 2.02
N VAL A 355 -14.72 -12.21 1.46
CA VAL A 355 -15.12 -11.06 2.23
C VAL A 355 -16.62 -11.12 2.49
N GLU A 356 -17.37 -11.44 1.44
CA GLU A 356 -18.80 -11.84 1.52
C GLU A 356 -19.07 -12.82 2.67
N GLN A 357 -18.45 -14.00 2.70
CA GLN A 357 -18.89 -14.95 3.68
C GLN A 357 -18.57 -14.44 5.07
N GLN A 358 -17.45 -13.76 5.20
CA GLN A 358 -16.97 -13.34 6.52
C GLN A 358 -17.81 -12.18 7.03
N MET A 359 -18.03 -11.17 6.19
CA MET A 359 -18.91 -10.07 6.61
C MET A 359 -20.27 -10.61 6.97
N ASN A 360 -20.91 -11.29 6.04
CA ASN A 360 -22.21 -11.85 6.34
C ASN A 360 -22.30 -12.53 7.70
N GLU A 361 -21.33 -13.36 8.06
CA GLU A 361 -21.40 -14.05 9.33
C GLU A 361 -21.28 -13.01 10.50
N LEU A 362 -20.34 -12.07 10.41
CA LEU A 362 -19.93 -11.29 11.56
C LEU A 362 -20.59 -9.96 11.69
N LEU A 363 -20.93 -9.33 10.59
CA LEU A 363 -21.79 -8.17 10.65
C LEU A 363 -23.13 -8.60 11.20
N ALA A 364 -23.65 -9.72 10.75
CA ALA A 364 -24.91 -10.19 11.27
C ALA A 364 -24.79 -10.34 12.79
N GLU A 365 -23.68 -10.90 13.30
CA GLU A 365 -23.54 -11.06 14.74
C GLU A 365 -23.51 -9.68 15.33
N TYR A 366 -22.69 -8.81 14.74
CA TYR A 366 -22.52 -7.48 15.27
C TYR A 366 -23.86 -6.79 15.54
N LEU A 367 -24.77 -6.81 14.56
CA LEU A 367 -26.11 -6.17 14.71
C LEU A 367 -26.96 -6.75 15.82
N LEU A 368 -26.88 -8.06 16.03
CA LEU A 368 -27.57 -8.72 17.15
C LEU A 368 -27.06 -8.24 18.50
N GLU A 369 -25.74 -8.26 18.65
CA GLU A 369 -25.08 -7.93 19.92
C GLU A 369 -25.12 -6.42 20.17
N ASN A 370 -25.40 -5.62 19.13
CA ASN A 370 -25.45 -4.17 19.31
C ASN A 370 -26.68 -3.56 18.70
N PRO A 371 -27.87 -3.93 19.17
CA PRO A 371 -29.18 -3.52 18.58
C PRO A 371 -29.43 -2.03 18.62
N THR A 372 -28.84 -1.37 19.62
CA THR A 372 -28.93 0.06 19.70
C THR A 372 -28.24 0.72 18.49
N ASP A 373 -26.97 0.36 18.22
CA ASP A 373 -26.26 0.81 17.02
C ASP A 373 -27.02 0.44 15.76
N ALA A 374 -27.47 -0.80 15.72
CA ALA A 374 -28.14 -1.28 14.56
C ALA A 374 -29.21 -0.29 14.20
N LYS A 375 -30.17 -0.11 15.09
CA LYS A 375 -31.32 0.75 14.76
C LYS A 375 -30.95 2.16 14.28
N ILE A 376 -29.94 2.74 14.91
CA ILE A 376 -29.41 4.02 14.46
C ILE A 376 -28.89 4.08 12.99
N VAL A 377 -28.25 3.01 12.53
CA VAL A 377 -27.61 2.94 11.23
C VAL A 377 -28.67 2.77 10.21
N VAL A 378 -29.51 1.81 10.46
CA VAL A 378 -30.68 1.62 9.64
C VAL A 378 -31.60 2.85 9.62
N GLY A 379 -31.84 3.47 10.77
CA GLY A 379 -32.51 4.78 10.86
C GLY A 379 -31.85 5.88 10.01
N LYS A 380 -30.52 5.85 9.78
CA LYS A 380 -29.94 6.87 8.93
C LYS A 380 -30.26 6.54 7.49
N ILE A 381 -30.10 5.26 7.17
CA ILE A 381 -30.33 4.79 5.82
C ILE A 381 -31.80 5.06 5.42
N ILE A 382 -32.72 4.88 6.38
CA ILE A 382 -34.13 5.18 6.12
C ILE A 382 -34.28 6.68 5.92
N ASP A 383 -33.66 7.46 6.80
CA ASP A 383 -33.77 8.89 6.69
C ASP A 383 -33.35 9.44 5.32
N ALA A 384 -32.39 8.81 4.69
CA ALA A 384 -31.88 9.33 3.42
C ALA A 384 -32.81 9.05 2.24
N ALA A 385 -33.41 7.87 2.26
CA ALA A 385 -34.40 7.54 1.26
C ALA A 385 -35.66 8.43 1.44
N ARG A 386 -35.98 8.80 2.68
CA ARG A 386 -37.10 9.73 2.97
C ARG A 386 -36.80 11.10 2.39
N ALA A 387 -35.53 11.54 2.46
CA ALA A 387 -35.18 12.89 1.98
C ALA A 387 -35.33 13.00 0.48
N ARG A 388 -34.81 12.00 -0.21
CA ARG A 388 -34.85 12.05 -1.67
C ARG A 388 -36.31 11.86 -2.12
N GLU A 389 -37.02 10.90 -1.56
CA GLU A 389 -38.42 10.73 -1.90
C GLU A 389 -39.24 12.00 -1.60
N ALA A 390 -38.83 12.83 -0.64
CA ALA A 390 -39.42 14.20 -0.53
C ALA A 390 -38.94 15.22 -1.57
N ALA A 391 -38.32 14.77 -2.66
CA ALA A 391 -38.34 15.49 -3.93
C ALA A 391 -39.23 14.62 -4.84
N ARG A 392 -40.48 14.54 -4.42
CA ARG A 392 -41.61 14.25 -5.26
C ARG A 392 -42.34 15.55 -4.93
N ARG A 393 -41.82 16.62 -5.50
CA ARG A 393 -42.43 17.91 -5.29
C ARG A 393 -42.43 18.64 -6.65
N ALA A 394 -42.92 17.93 -7.68
CA ALA A 394 -42.87 18.39 -9.09
C ALA A 394 -44.26 18.83 -9.60
PB ADP B . 9.05 -6.63 -6.08
O1B ADP B . 9.52 -8.08 -6.16
O2B ADP B . 8.84 -6.08 -4.68
O3B ADP B . 8.02 -6.36 -7.17
PA ADP B . 11.25 -4.68 -6.51
O1A ADP B . 10.74 -3.49 -5.75
O2A ADP B . 11.91 -4.44 -7.83
O3A ADP B . 10.05 -5.68 -6.87
O5' ADP B . 12.25 -5.58 -5.68
C5' ADP B . 12.62 -6.87 -6.08
C4' ADP B . 13.01 -7.59 -4.83
O4' ADP B . 13.98 -6.88 -4.09
C3' ADP B . 11.95 -7.81 -3.79
O3' ADP B . 10.99 -8.77 -4.19
C2' ADP B . 12.80 -8.24 -2.59
O2' ADP B . 13.16 -9.62 -2.69
C1' ADP B . 14.02 -7.37 -2.74
N9 ADP B . 13.90 -6.19 -1.87
C8 ADP B . 13.61 -4.93 -2.27
N7 ADP B . 13.63 -4.08 -1.21
C5 ADP B . 13.97 -4.79 -0.14
C6 ADP B . 14.13 -4.52 1.29
N6 ADP B . 13.97 -3.25 1.78
N1 ADP B . 14.49 -5.58 2.07
C2 ADP B . 14.63 -6.81 1.59
N3 ADP B . 14.43 -7.11 0.32
C4 ADP B . 14.12 -6.18 -0.57
BE BEF C . 7.06 -5.10 -7.42
F1 BEF C . 7.37 -4.48 -8.77
F2 BEF C . 5.62 -5.55 -7.44
F3 BEF C . 7.26 -4.12 -6.33
MG MG D . 8.71 -3.83 -4.67
#